data_6CPT
#
_entry.id   6CPT
#
_cell.length_a   138.190
_cell.length_b   73.639
_cell.length_c   64.954
_cell.angle_alpha   90.00
_cell.angle_beta   108.49
_cell.angle_gamma   90.00
#
_symmetry.space_group_name_H-M   'C 1 2 1'
#
loop_
_entity.id
_entity.type
_entity.pdbx_description
1 polymer Phosphodiesterase
2 non-polymer 'ZINC ION'
3 non-polymer 'MAGNESIUM ION'
4 non-polymer 3-ISOBUTYL-1-METHYLXANTHINE
5 water water
#
_entity_poly.entity_id   1
_entity_poly.type   'polypeptide(L)'
_entity_poly.pdbx_seq_one_letter_code
;MAEVLSLVDLEIPQVTDKYYKFDTFKHLICHLFKKTSTETDSNVPIVIIFPTNNDIPSRKTRSTTTTTTTTTTTNTSKLD
NLPFSDKSLLIQFFFTHLNILMIQGENSDEGKLYQEISSAKELLTNRISRVGNWTGTTHFRYCRHENDCGLLNQHSKIAG
IIPTMTYILNCNATRSEIATNQLIYLYRLMIEEINFIELLQDASTTRLSQLCYAVGHWSFPAHNLSNDDLVYCVYLMIDY
AIKQVEGFDNIPLNELLAFIFIVRDTYKNGNPFHNFRHAVDVLQACFHFLIRLGSLPKFKQFVEDPKLDYTEVHDKHTVL
IALQNNSSEEKASLNPIQTLGLLVAALGHDVGHPGTTNDFMIKFSAPTALLYNDRSVLESYHASLFINKVLRICWPDLLT
CTIEEKSELTIRSLIISSILATDMGEHNEYVNRLKSFKTHNEILNHDNTVKLISALLIKCADISNVTRPLRVSAQWAMVL
SREFAEVELLKSVIKKDIDLDFTKDLTYDDVPHELREILEIQPDIHKGQIFFINLFAENLFNSVSDLLPQLQYTCDIIME
NKLFWLERAKK
;
_entity_poly.pdbx_strand_id   A
#
# COMPACT_ATOMS: atom_id res chain seq x y z
N MET A 1 -7.20 13.39 -25.48
CA MET A 1 -6.79 14.11 -24.24
C MET A 1 -7.30 13.44 -22.94
N ALA A 2 -8.61 13.24 -22.81
CA ALA A 2 -9.21 12.66 -21.60
C ALA A 2 -9.91 11.33 -21.87
N GLU A 3 -9.95 10.48 -20.85
CA GLU A 3 -10.87 9.35 -20.85
C GLU A 3 -12.19 9.87 -20.33
N VAL A 4 -13.25 9.70 -21.11
CA VAL A 4 -14.55 10.22 -20.74
C VAL A 4 -15.46 9.07 -20.36
N LEU A 5 -16.07 9.18 -19.19
CA LEU A 5 -17.01 8.18 -18.67
C LEU A 5 -18.36 8.85 -18.54
N SER A 6 -19.37 8.34 -19.24
CA SER A 6 -20.66 9.04 -19.30
C SER A 6 -21.86 8.18 -18.90
N LEU A 7 -22.79 8.82 -18.19
CA LEU A 7 -24.09 8.23 -17.88
C LEU A 7 -25.17 8.80 -18.81
N VAL A 8 -24.77 9.63 -19.78
CA VAL A 8 -25.71 10.29 -20.68
C VAL A 8 -25.16 10.34 -22.12
N ASP A 9 -26.00 10.81 -23.04
CA ASP A 9 -25.68 10.80 -24.47
C ASP A 9 -24.70 11.88 -24.94
N LEU A 10 -24.47 12.91 -24.11
CA LEU A 10 -23.58 14.01 -24.48
C LEU A 10 -22.18 13.52 -24.84
N GLU A 11 -21.64 14.11 -25.91
CA GLU A 11 -20.25 13.90 -26.31
C GLU A 11 -19.49 15.22 -26.20
N ILE A 12 -18.20 15.12 -25.93
CA ILE A 12 -17.30 16.28 -25.86
C ILE A 12 -16.04 15.92 -26.63
N PRO A 13 -16.15 15.77 -27.97
CA PRO A 13 -15.06 15.23 -28.77
C PRO A 13 -13.79 16.09 -28.78
N GLN A 14 -13.93 17.37 -28.42
CA GLN A 14 -12.80 18.30 -28.37
C GLN A 14 -11.72 17.84 -27.38
N VAL A 15 -12.12 17.14 -26.33
CA VAL A 15 -11.19 16.67 -25.29
C VAL A 15 -11.15 15.16 -25.13
N THR A 16 -11.88 14.42 -25.97
CA THR A 16 -12.04 12.98 -25.81
C THR A 16 -10.99 12.16 -26.55
N ASP A 17 -10.32 11.28 -25.83
CA ASP A 17 -9.48 10.24 -26.42
C ASP A 17 -10.32 8.96 -26.54
N LYS A 18 -10.88 8.54 -25.42
CA LYS A 18 -11.68 7.32 -25.36
C LYS A 18 -12.91 7.61 -24.52
N TYR A 19 -14.05 7.09 -24.96
CA TYR A 19 -15.35 7.39 -24.37
C TYR A 19 -15.99 6.08 -23.95
N TYR A 20 -16.46 6.02 -22.70
CA TYR A 20 -17.17 4.85 -22.19
C TYR A 20 -18.55 5.30 -21.77
N LYS A 21 -19.57 4.66 -22.33
CA LYS A 21 -20.93 4.93 -21.93
C LYS A 21 -21.33 3.84 -20.93
N PHE A 22 -21.84 4.25 -19.78
CA PHE A 22 -22.28 3.29 -18.78
C PHE A 22 -23.79 3.37 -18.61
N ASP A 23 -24.43 2.20 -18.52
CA ASP A 23 -25.86 2.14 -18.29
C ASP A 23 -26.22 2.54 -16.86
N THR A 24 -25.33 2.23 -15.90
CA THR A 24 -25.58 2.51 -14.48
C THR A 24 -24.35 3.12 -13.81
N PHE A 25 -24.61 3.89 -12.75
CA PHE A 25 -23.57 4.45 -11.89
C PHE A 25 -22.76 3.33 -11.23
N LYS A 26 -23.43 2.23 -10.87
CA LYS A 26 -22.74 1.08 -10.30
C LYS A 26 -21.67 0.53 -11.25
N HIS A 27 -21.97 0.44 -12.54
CA HIS A 27 -21.01 -0.11 -13.49
C HIS A 27 -19.86 0.87 -13.74
N LEU A 28 -20.17 2.17 -13.73
CA LEU A 28 -19.14 3.22 -13.79
C LEU A 28 -18.17 3.09 -12.61
N ILE A 29 -18.73 2.91 -11.41
CA ILE A 29 -17.94 2.74 -10.18
C ILE A 29 -17.02 1.51 -10.28
N CYS A 30 -17.56 0.40 -10.80
CA CYS A 30 -16.79 -0.81 -10.98
C CYS A 30 -15.59 -0.59 -11.92
N HIS A 31 -15.83 0.13 -13.01
CA HIS A 31 -14.76 0.51 -13.94
C HIS A 31 -13.65 1.26 -13.19
N LEU A 32 -14.04 2.18 -12.31
CA LEU A 32 -13.07 2.98 -11.56
C LEU A 32 -12.26 2.13 -10.57
N PHE A 33 -12.93 1.24 -9.83
CA PHE A 33 -12.23 0.34 -8.90
C PHE A 33 -11.16 -0.52 -9.60
N LYS A 34 -11.42 -0.93 -10.83
CA LYS A 34 -10.46 -1.79 -11.55
C LYS A 34 -9.22 -1.06 -12.06
N LYS A 35 -9.21 0.26 -12.04
CA LYS A 35 -8.05 1.02 -12.54
C LYS A 35 -6.75 0.76 -11.78
N THR A 36 -6.85 0.36 -10.52
CA THR A 36 -5.64 0.06 -9.72
C THR A 36 -5.25 -1.42 -9.78
N SER A 37 -5.84 -2.17 -10.71
CA SER A 37 -5.41 -3.53 -10.99
C SER A 37 -4.13 -3.58 -11.83
N THR A 38 -3.76 -2.47 -12.46
CA THR A 38 -2.63 -2.42 -13.38
C THR A 38 -1.32 -2.10 -12.68
N GLU A 39 -0.22 -2.08 -13.45
CA GLU A 39 1.11 -1.77 -12.90
C GLU A 39 1.53 -0.33 -13.18
N THR A 40 0.61 0.50 -13.67
CA THR A 40 0.95 1.85 -14.11
C THR A 40 0.02 2.88 -13.48
N ASP A 41 0.55 4.07 -13.21
CA ASP A 41 -0.28 5.20 -12.77
C ASP A 41 -1.28 5.56 -13.87
N SER A 42 -2.51 5.92 -13.50
CA SER A 42 -3.42 6.53 -14.47
C SER A 42 -2.78 7.85 -14.91
N ASN A 43 -2.62 8.04 -16.21
CA ASN A 43 -1.85 9.20 -16.68
C ASN A 43 -2.62 10.09 -17.65
N VAL A 44 -3.95 10.01 -17.60
CA VAL A 44 -4.83 10.87 -18.38
C VAL A 44 -5.93 11.41 -17.49
N PRO A 45 -6.40 12.64 -17.72
CA PRO A 45 -7.54 13.09 -16.94
C PRO A 45 -8.77 12.27 -17.28
N ILE A 46 -9.62 12.05 -16.29
CA ILE A 46 -10.89 11.35 -16.47
C ILE A 46 -12.04 12.34 -16.29
N VAL A 47 -12.89 12.46 -17.30
CA VAL A 47 -14.10 13.28 -17.20
C VAL A 47 -15.29 12.37 -16.98
N ILE A 48 -16.09 12.66 -15.97
CA ILE A 48 -17.34 11.93 -15.74
C ILE A 48 -18.50 12.87 -16.05
N ILE A 49 -19.36 12.44 -16.98
CA ILE A 49 -20.55 13.22 -17.36
C ILE A 49 -21.79 12.64 -16.69
N PHE A 50 -22.37 13.43 -15.80
CA PHE A 50 -23.60 13.06 -15.10
C PHE A 50 -24.80 13.71 -15.80
N PRO A 51 -26.02 13.21 -15.52
CA PRO A 51 -27.23 13.90 -16.01
C PRO A 51 -27.43 15.24 -15.33
N THR A 52 -28.14 16.16 -15.99
CA THR A 52 -28.44 17.48 -15.42
C THR A 52 -29.39 17.32 -14.24
N THR A 76 -34.17 0.88 -9.33
CA THR A 76 -34.17 0.08 -8.06
C THR A 76 -32.90 0.23 -7.21
N SER A 77 -31.73 0.22 -7.85
CA SER A 77 -30.46 0.38 -7.14
C SER A 77 -30.37 1.70 -6.38
N LYS A 78 -29.94 1.63 -5.12
CA LYS A 78 -29.75 2.82 -4.30
C LYS A 78 -28.58 3.67 -4.82
N LEU A 79 -27.47 3.03 -5.20
CA LEU A 79 -26.35 3.75 -5.83
C LEU A 79 -26.80 4.54 -7.03
N ASP A 80 -27.49 3.86 -7.95
CA ASP A 80 -27.92 4.47 -9.21
C ASP A 80 -28.86 5.66 -9.01
N ASN A 81 -29.65 5.63 -7.93
CA ASN A 81 -30.62 6.68 -7.64
C ASN A 81 -30.19 7.72 -6.62
N LEU A 82 -28.91 7.68 -6.22
CA LEU A 82 -28.37 8.70 -5.32
C LEU A 82 -28.55 10.09 -5.93
N PRO A 83 -28.86 11.09 -5.10
CA PRO A 83 -28.82 12.46 -5.59
C PRO A 83 -27.42 12.80 -6.08
N PHE A 84 -27.31 13.75 -6.99
CA PHE A 84 -26.02 14.12 -7.55
C PHE A 84 -25.02 14.53 -6.48
N SER A 85 -25.49 15.18 -5.42
CA SER A 85 -24.63 15.56 -4.30
C SER A 85 -23.91 14.35 -3.69
N ASP A 86 -24.63 13.24 -3.54
CA ASP A 86 -24.04 12.00 -2.99
C ASP A 86 -23.18 11.26 -4.03
N LYS A 87 -23.59 11.27 -5.29
CA LYS A 87 -22.78 10.68 -6.37
C LYS A 87 -21.43 11.40 -6.48
N SER A 88 -21.48 12.72 -6.35
CA SER A 88 -20.29 13.57 -6.40
C SER A 88 -19.37 13.33 -5.20
N LEU A 89 -19.98 13.19 -4.03
CA LEU A 89 -19.26 12.90 -2.80
C LEU A 89 -18.52 11.57 -2.90
N LEU A 90 -19.22 10.57 -3.43
CA LEU A 90 -18.66 9.23 -3.63
C LEU A 90 -17.42 9.31 -4.53
N ILE A 91 -17.54 9.96 -5.67
CA ILE A 91 -16.42 10.04 -6.62
C ILE A 91 -15.25 10.82 -6.04
N GLN A 92 -15.55 11.98 -5.45
CA GLN A 92 -14.53 12.82 -4.83
C GLN A 92 -13.72 12.07 -3.77
N PHE A 93 -14.41 11.34 -2.91
CA PHE A 93 -13.75 10.70 -1.80
C PHE A 93 -13.07 9.39 -2.20
N PHE A 94 -13.83 8.49 -2.82
CA PHE A 94 -13.30 7.16 -3.11
C PHE A 94 -12.38 7.12 -4.33
N PHE A 95 -12.50 8.10 -5.24
CA PHE A 95 -11.72 8.09 -6.48
C PHE A 95 -10.90 9.35 -6.74
N THR A 96 -10.56 10.04 -5.66
CA THR A 96 -9.64 11.19 -5.68
C THR A 96 -8.34 10.87 -6.43
N HIS A 97 -7.84 9.65 -6.22
CA HIS A 97 -6.61 9.19 -6.86
C HIS A 97 -6.64 9.11 -8.38
N LEU A 98 -7.83 9.21 -9.00
CA LEU A 98 -7.98 9.03 -10.43
C LEU A 98 -8.08 10.31 -11.28
N ASN A 99 -7.76 11.48 -10.72
CA ASN A 99 -7.68 12.73 -11.49
C ASN A 99 -8.95 13.03 -12.27
N ILE A 100 -10.08 13.02 -11.56
CA ILE A 100 -11.39 13.14 -12.19
C ILE A 100 -11.92 14.58 -12.18
N LEU A 101 -12.56 14.96 -13.28
CA LEU A 101 -13.37 16.18 -13.37
C LEU A 101 -14.80 15.75 -13.65
N MET A 102 -15.73 16.18 -12.80
CA MET A 102 -17.14 15.85 -12.96
C MET A 102 -17.89 17.03 -13.58
N ILE A 103 -18.69 16.74 -14.60
CA ILE A 103 -19.55 17.75 -15.22
C ILE A 103 -20.98 17.22 -15.33
N GLN A 104 -21.93 18.13 -15.55
CA GLN A 104 -23.30 17.72 -15.84
C GLN A 104 -23.97 18.65 -16.86
N GLY A 105 -23.47 18.61 -18.10
CA GLY A 105 -24.06 19.37 -19.21
C GLY A 105 -23.76 20.85 -19.15
N GLU A 110 -16.84 25.48 -22.68
CA GLU A 110 -15.86 24.69 -23.49
C GLU A 110 -14.42 25.14 -23.25
N GLY A 111 -14.22 26.45 -23.14
CA GLY A 111 -12.88 27.02 -22.94
C GLY A 111 -12.26 26.67 -21.61
N LYS A 112 -13.04 26.80 -20.54
CA LYS A 112 -12.57 26.47 -19.20
C LYS A 112 -12.32 24.96 -19.07
N LEU A 113 -13.20 24.17 -19.68
CA LEU A 113 -13.07 22.72 -19.68
C LEU A 113 -11.82 22.27 -20.43
N TYR A 114 -11.68 22.75 -21.66
CA TYR A 114 -10.57 22.35 -22.52
C TYR A 114 -9.22 22.68 -21.87
N GLN A 115 -9.12 23.87 -21.29
CA GLN A 115 -7.87 24.35 -20.67
C GLN A 115 -7.52 23.54 -19.42
N GLU A 116 -8.54 23.24 -18.62
CA GLU A 116 -8.39 22.45 -17.41
C GLU A 116 -7.89 21.04 -17.73
N ILE A 117 -8.54 20.40 -18.72
CA ILE A 117 -8.17 19.06 -19.16
C ILE A 117 -6.81 19.05 -19.83
N SER A 118 -6.56 20.05 -20.69
CA SER A 118 -5.29 20.14 -21.40
C SER A 118 -4.12 20.30 -20.42
N SER A 119 -4.31 21.19 -19.43
CA SER A 119 -3.29 21.39 -18.40
C SER A 119 -3.05 20.12 -17.60
N ALA A 120 -4.12 19.48 -17.13
CA ALA A 120 -4.00 18.24 -16.38
C ALA A 120 -3.27 17.17 -17.18
N LYS A 121 -3.63 17.02 -18.45
CA LYS A 121 -2.96 16.02 -19.29
C LYS A 121 -1.46 16.28 -19.39
N GLU A 122 -1.09 17.55 -19.59
CA GLU A 122 0.32 17.93 -19.69
C GLU A 122 1.08 17.58 -18.41
N LEU A 123 0.40 17.66 -17.26
CA LEU A 123 1.06 17.38 -15.98
C LEU A 123 1.02 15.91 -15.57
N LEU A 124 0.12 15.14 -16.15
CA LEU A 124 -0.09 13.75 -15.74
C LEU A 124 0.63 12.71 -16.59
N THR A 125 1.01 13.06 -17.81
CA THR A 125 1.48 12.06 -18.76
C THR A 125 2.74 11.34 -18.26
N ASN A 126 3.62 12.09 -17.62
CA ASN A 126 4.96 11.62 -17.29
C ASN A 126 5.13 11.37 -15.79
N ARG A 127 5.72 10.21 -15.47
CA ARG A 127 5.92 9.75 -14.09
C ARG A 127 6.59 10.78 -13.19
N ILE A 128 7.64 11.41 -13.71
CA ILE A 128 8.40 12.34 -12.91
C ILE A 128 7.57 13.59 -12.62
N SER A 129 6.81 14.05 -13.60
CA SER A 129 5.85 15.14 -13.42
C SER A 129 4.80 14.78 -12.34
N ARG A 130 4.30 13.56 -12.40
CA ARG A 130 3.28 13.11 -11.44
C ARG A 130 3.80 13.13 -10.00
N VAL A 131 4.99 12.60 -9.80
CA VAL A 131 5.57 12.59 -8.46
C VAL A 131 5.81 14.03 -7.98
N GLY A 132 6.28 14.90 -8.87
CA GLY A 132 6.45 16.31 -8.56
C GLY A 132 5.16 17.00 -8.13
N ASN A 133 4.07 16.69 -8.82
CA ASN A 133 2.74 17.21 -8.48
C ASN A 133 2.32 16.77 -7.09
N TRP A 134 2.38 15.46 -6.85
CA TRP A 134 1.89 14.92 -5.59
C TRP A 134 2.66 15.49 -4.42
N THR A 135 3.97 15.63 -4.59
CA THR A 135 4.85 16.04 -3.51
C THR A 135 4.96 17.56 -3.37
N GLY A 136 4.40 18.29 -4.33
CA GLY A 136 4.46 19.75 -4.34
C GLY A 136 5.86 20.29 -4.56
N THR A 137 6.72 19.53 -5.23
CA THR A 137 8.13 19.93 -5.42
C THR A 137 8.45 20.47 -6.82
N THR A 138 7.47 20.45 -7.71
CA THR A 138 7.65 21.00 -9.07
C THR A 138 6.60 22.08 -9.37
N HIS A 139 6.50 23.07 -8.48
CA HIS A 139 5.56 24.19 -8.67
C HIS A 139 5.81 24.93 -9.98
N PHE A 140 7.09 25.19 -10.27
CA PHE A 140 7.51 25.85 -11.51
C PHE A 140 6.82 25.26 -12.74
N ARG A 141 6.55 23.96 -12.68
CA ARG A 141 5.84 23.26 -13.72
C ARG A 141 4.33 23.30 -13.46
N SER A 156 -5.72 23.01 -2.50
CA SER A 156 -6.63 22.66 -3.64
C SER A 156 -5.97 21.66 -4.59
N LYS A 157 -6.69 21.28 -5.64
CA LYS A 157 -6.19 20.34 -6.64
C LYS A 157 -5.51 21.09 -7.78
N ILE A 158 -4.43 20.53 -8.30
CA ILE A 158 -3.70 21.14 -9.42
C ILE A 158 -4.58 21.08 -10.66
N ALA A 159 -4.78 22.25 -11.28
CA ALA A 159 -5.72 22.42 -12.40
C ALA A 159 -7.14 21.98 -12.05
N GLY A 160 -7.49 22.02 -10.77
CA GLY A 160 -8.79 21.56 -10.28
C GLY A 160 -9.03 20.06 -10.36
N ILE A 161 -7.99 19.28 -10.69
CA ILE A 161 -8.16 17.85 -11.02
C ILE A 161 -7.20 16.93 -10.25
N ILE A 162 -5.92 17.32 -10.16
CA ILE A 162 -4.88 16.44 -9.65
C ILE A 162 -4.65 16.67 -8.15
N PRO A 163 -4.84 15.62 -7.32
CA PRO A 163 -4.68 15.81 -5.90
C PRO A 163 -3.21 15.85 -5.47
N THR A 164 -2.93 16.60 -4.42
CA THR A 164 -1.62 16.62 -3.82
C THR A 164 -1.71 15.98 -2.46
N MET A 165 -0.56 15.63 -1.91
CA MET A 165 -0.51 15.07 -0.57
C MET A 165 -1.13 16.01 0.47
N THR A 166 -0.81 17.30 0.41
CA THR A 166 -1.38 18.24 1.40
C THR A 166 -2.90 18.37 1.26
N TYR A 167 -3.39 18.34 0.04
CA TYR A 167 -4.83 18.40 -0.19
C TYR A 167 -5.55 17.21 0.47
N ILE A 168 -5.06 16.01 0.21
CA ILE A 168 -5.68 14.79 0.76
C ILE A 168 -5.58 14.79 2.29
N LEU A 169 -4.42 15.12 2.82
CA LEU A 169 -4.19 15.21 4.25
C LEU A 169 -5.20 16.18 4.91
N ASN A 170 -5.31 17.38 4.33
CA ASN A 170 -6.23 18.41 4.83
C ASN A 170 -7.69 17.97 4.76
N CYS A 171 -8.10 17.42 3.62
CA CYS A 171 -9.47 16.95 3.42
C CYS A 171 -9.90 15.97 4.48
N ASN A 172 -9.01 15.02 4.78
CA ASN A 172 -9.35 13.99 5.75
C ASN A 172 -9.24 14.41 7.20
N ALA A 173 -8.43 15.43 7.48
CA ALA A 173 -8.32 15.93 8.84
C ALA A 173 -9.48 16.85 9.24
N THR A 174 -10.07 17.54 8.26
CA THR A 174 -11.06 18.59 8.54
C THR A 174 -12.49 18.15 8.23
N ARG A 175 -12.68 16.89 7.91
CA ARG A 175 -13.98 16.39 7.47
C ARG A 175 -14.98 16.45 8.65
N SER A 176 -16.20 16.90 8.39
CA SER A 176 -17.22 17.02 9.45
C SER A 176 -17.79 15.66 9.87
N GLU A 177 -18.41 15.60 11.04
CA GLU A 177 -19.07 14.37 11.48
C GLU A 177 -20.14 13.94 10.46
N ILE A 178 -20.89 14.91 9.95
CA ILE A 178 -21.95 14.67 8.98
C ILE A 178 -21.38 14.08 7.69
N ALA A 179 -20.28 14.64 7.21
CA ALA A 179 -19.66 14.15 5.99
C ALA A 179 -19.13 12.74 6.22
N THR A 180 -18.56 12.50 7.39
CA THR A 180 -18.01 11.20 7.74
C THR A 180 -19.09 10.11 7.74
N ASN A 181 -20.24 10.43 8.33
CA ASN A 181 -21.34 9.48 8.35
C ASN A 181 -21.94 9.24 6.98
N GLN A 182 -21.94 10.26 6.13
CA GLN A 182 -22.45 10.09 4.78
C GLN A 182 -21.52 9.20 3.94
N LEU A 183 -20.20 9.32 4.14
CA LEU A 183 -19.25 8.44 3.48
C LEU A 183 -19.38 7.00 3.96
N ILE A 184 -19.61 6.82 5.27
CA ILE A 184 -19.84 5.48 5.81
C ILE A 184 -21.08 4.85 5.17
N TYR A 185 -22.14 5.66 5.02
CA TYR A 185 -23.36 5.24 4.32
C TYR A 185 -23.09 4.83 2.87
N LEU A 186 -22.33 5.65 2.14
CA LEU A 186 -22.01 5.34 0.75
C LEU A 186 -21.15 4.08 0.63
N TYR A 187 -20.23 3.89 1.58
CA TYR A 187 -19.39 2.70 1.64
C TYR A 187 -20.23 1.44 1.82
N ARG A 188 -21.14 1.49 2.80
CA ARG A 188 -22.05 0.38 3.06
C ARG A 188 -22.98 0.14 1.87
N LEU A 189 -23.39 1.20 1.19
CA LEU A 189 -24.18 1.07 -0.04
C LEU A 189 -23.43 0.26 -1.10
N MET A 190 -22.14 0.56 -1.29
CA MET A 190 -21.32 -0.16 -2.25
C MET A 190 -21.14 -1.63 -1.87
N ILE A 191 -20.97 -1.92 -0.59
CA ILE A 191 -20.88 -3.30 -0.12
C ILE A 191 -22.17 -4.06 -0.42
N GLU A 192 -23.30 -3.38 -0.24
CA GLU A 192 -24.61 -3.96 -0.46
C GLU A 192 -24.82 -4.33 -1.93
N GLU A 193 -24.34 -3.47 -2.84
CA GLU A 193 -24.70 -3.60 -4.26
C GLU A 193 -23.58 -4.04 -5.21
N ILE A 194 -22.31 -3.91 -4.83
CA ILE A 194 -21.20 -4.36 -5.67
C ILE A 194 -20.65 -5.69 -5.17
N ASN A 195 -20.50 -6.65 -6.09
CA ASN A 195 -19.92 -7.94 -5.81
C ASN A 195 -18.43 -7.86 -6.14
N PHE A 196 -17.62 -7.55 -5.13
CA PHE A 196 -16.22 -7.22 -5.36
C PHE A 196 -15.36 -8.36 -5.90
N ILE A 197 -15.70 -9.61 -5.57
CA ILE A 197 -14.98 -10.75 -6.13
C ILE A 197 -15.01 -10.76 -7.65
N GLU A 198 -16.10 -10.26 -8.22
CA GLU A 198 -16.24 -10.18 -9.67
C GLU A 198 -15.35 -9.13 -10.32
N LEU A 199 -14.75 -8.25 -9.53
CA LEU A 199 -13.85 -7.22 -10.06
C LEU A 199 -12.41 -7.71 -10.17
N LEU A 200 -12.15 -8.93 -9.68
CA LEU A 200 -10.86 -9.56 -9.87
C LEU A 200 -10.90 -10.33 -11.18
N GLN A 201 -9.81 -10.26 -11.94
CA GLN A 201 -9.74 -10.90 -13.25
C GLN A 201 -9.85 -12.44 -13.17
N ASP A 202 -9.14 -13.04 -12.22
CA ASP A 202 -9.11 -14.49 -12.07
C ASP A 202 -9.42 -14.88 -10.63
N ALA A 203 -10.67 -15.19 -10.35
CA ALA A 203 -11.07 -15.68 -9.05
C ALA A 203 -11.48 -17.16 -9.14
N SER A 204 -10.85 -17.91 -10.06
CA SER A 204 -11.14 -19.33 -10.20
C SER A 204 -10.68 -20.09 -8.98
N THR A 205 -11.30 -21.25 -8.74
CA THR A 205 -10.93 -22.09 -7.60
C THR A 205 -9.44 -22.36 -7.59
N THR A 206 -8.88 -22.69 -8.76
CA THR A 206 -7.45 -22.97 -8.87
C THR A 206 -6.60 -21.78 -8.43
N ARG A 207 -6.91 -20.59 -8.95
CA ARG A 207 -6.12 -19.40 -8.61
C ARG A 207 -6.20 -19.06 -7.12
N LEU A 208 -7.40 -19.09 -6.56
CA LEU A 208 -7.57 -18.78 -5.14
C LEU A 208 -6.78 -19.76 -4.26
N SER A 209 -6.81 -21.04 -4.61
CA SER A 209 -6.01 -22.05 -3.89
C SER A 209 -4.52 -21.76 -4.02
N GLN A 210 -4.09 -21.40 -5.23
CA GLN A 210 -2.68 -21.05 -5.46
C GLN A 210 -2.24 -19.93 -4.52
N LEU A 211 -3.10 -18.93 -4.38
CA LEU A 211 -2.79 -17.79 -3.52
C LEU A 211 -2.67 -18.19 -2.05
N CYS A 212 -3.52 -19.13 -1.59
CA CYS A 212 -3.34 -19.69 -0.24
C CYS A 212 -1.92 -20.21 -0.04
N TYR A 213 -1.46 -21.02 -0.98
CA TYR A 213 -0.10 -21.58 -0.90
C TYR A 213 0.96 -20.51 -1.07
N ALA A 214 0.72 -19.52 -1.94
CA ALA A 214 1.66 -18.40 -2.05
C ALA A 214 1.82 -17.70 -0.70
N VAL A 215 0.71 -17.41 -0.05
CA VAL A 215 0.72 -16.80 1.28
C VAL A 215 1.49 -17.67 2.29
N GLY A 216 1.41 -18.98 2.10
CA GLY A 216 2.13 -19.94 2.96
C GLY A 216 3.64 -20.00 2.81
N HIS A 217 4.20 -19.46 1.73
CA HIS A 217 5.64 -19.46 1.51
C HIS A 217 6.34 -18.25 2.13
N TRP A 218 7.43 -18.48 2.87
CA TRP A 218 8.30 -17.38 3.25
C TRP A 218 8.92 -16.75 2.01
N SER A 219 9.12 -17.57 0.97
CA SER A 219 9.53 -17.04 -0.32
C SER A 219 8.29 -16.53 -1.07
N PHE A 220 7.67 -15.49 -0.52
CA PHE A 220 6.43 -14.93 -1.07
C PHE A 220 6.73 -14.34 -2.46
N PRO A 221 6.11 -14.89 -3.52
CA PRO A 221 6.48 -14.51 -4.87
C PRO A 221 5.73 -13.25 -5.30
N ALA A 222 5.94 -12.18 -4.56
CA ALA A 222 5.14 -10.96 -4.71
C ALA A 222 5.10 -10.46 -6.14
N HIS A 223 6.25 -10.53 -6.83
CA HIS A 223 6.36 -9.99 -8.18
C HIS A 223 5.69 -10.84 -9.26
N ASN A 224 5.28 -12.05 -8.90
CA ASN A 224 4.47 -12.89 -9.78
C ASN A 224 2.99 -12.81 -9.49
N LEU A 225 2.59 -11.96 -8.54
CA LEU A 225 1.19 -11.79 -8.21
C LEU A 225 0.71 -10.45 -8.74
N SER A 226 -0.41 -10.46 -9.43
CA SER A 226 -1.02 -9.23 -9.91
C SER A 226 -1.62 -8.44 -8.73
N ASN A 227 -1.96 -7.17 -8.97
CA ASN A 227 -2.65 -6.40 -7.94
C ASN A 227 -4.02 -6.98 -7.58
N ASP A 228 -4.65 -7.69 -8.52
CA ASP A 228 -5.90 -8.42 -8.21
C ASP A 228 -5.62 -9.63 -7.31
N ASP A 229 -4.60 -10.40 -7.66
CA ASP A 229 -4.12 -11.50 -6.80
C ASP A 229 -3.83 -11.01 -5.39
N LEU A 230 -3.10 -9.89 -5.29
CA LEU A 230 -2.71 -9.36 -4.00
C LEU A 230 -3.90 -8.96 -3.14
N VAL A 231 -4.97 -8.45 -3.74
CA VAL A 231 -6.19 -8.14 -2.99
C VAL A 231 -6.68 -9.41 -2.28
N TYR A 232 -6.75 -10.51 -3.02
CA TYR A 232 -7.20 -11.77 -2.41
C TYR A 232 -6.24 -12.25 -1.34
N CYS A 233 -4.94 -12.05 -1.54
CA CYS A 233 -3.96 -12.39 -0.51
C CYS A 233 -4.21 -11.66 0.80
N VAL A 234 -4.54 -10.36 0.71
CA VAL A 234 -4.87 -9.59 1.91
C VAL A 234 -6.11 -10.17 2.59
N TYR A 235 -7.12 -10.51 1.80
CA TYR A 235 -8.33 -11.11 2.34
C TYR A 235 -7.97 -12.40 3.12
N LEU A 236 -7.15 -13.26 2.51
CA LEU A 236 -6.75 -14.51 3.16
C LEU A 236 -6.14 -14.29 4.54
N MET A 237 -5.24 -13.31 4.65
CA MET A 237 -4.52 -13.07 5.90
C MET A 237 -5.36 -12.35 6.96
N ILE A 238 -6.12 -11.35 6.55
CA ILE A 238 -6.91 -10.56 7.49
C ILE A 238 -8.12 -11.36 7.98
N ASP A 239 -8.76 -12.09 7.07
CA ASP A 239 -9.87 -12.96 7.47
C ASP A 239 -9.41 -13.99 8.48
N TYR A 240 -8.24 -14.59 8.22
CA TYR A 240 -7.64 -15.58 9.11
C TYR A 240 -7.42 -15.00 10.51
N ALA A 241 -6.90 -13.78 10.58
CA ALA A 241 -6.67 -13.09 11.84
C ALA A 241 -7.97 -12.73 12.56
N ILE A 242 -8.95 -12.20 11.82
CA ILE A 242 -10.24 -11.82 12.41
C ILE A 242 -10.92 -13.02 13.08
N LYS A 243 -10.82 -14.19 12.45
CA LYS A 243 -11.41 -15.43 12.98
C LYS A 243 -10.84 -15.86 14.34
N GLN A 244 -9.63 -15.42 14.66
CA GLN A 244 -9.00 -15.77 15.93
C GLN A 244 -9.38 -14.82 17.08
N VAL A 245 -10.09 -13.72 16.78
CA VAL A 245 -10.44 -12.72 17.79
C VAL A 245 -11.80 -13.05 18.39
N GLU A 246 -11.82 -13.33 19.69
CA GLU A 246 -12.98 -13.91 20.36
C GLU A 246 -14.22 -13.02 20.33
N GLY A 247 -14.18 -11.89 21.01
CA GLY A 247 -15.35 -11.00 21.11
C GLY A 247 -15.45 -10.08 19.92
N PHE A 248 -15.55 -10.66 18.72
CA PHE A 248 -15.39 -9.93 17.47
C PHE A 248 -16.07 -10.68 16.34
N ASP A 249 -17.08 -10.06 15.73
CA ASP A 249 -17.86 -10.73 14.70
C ASP A 249 -17.03 -11.02 13.44
N ASN A 250 -17.35 -12.12 12.77
CA ASN A 250 -16.73 -12.41 11.47
C ASN A 250 -17.34 -11.55 10.38
N ILE A 251 -16.51 -11.14 9.44
CA ILE A 251 -16.88 -10.18 8.42
C ILE A 251 -16.98 -10.91 7.08
N PRO A 252 -18.09 -10.74 6.34
CA PRO A 252 -18.26 -11.45 5.07
C PRO A 252 -17.19 -11.13 4.04
N LEU A 253 -16.95 -12.07 3.12
CA LEU A 253 -16.02 -11.90 2.01
C LEU A 253 -16.15 -10.53 1.33
N ASN A 254 -17.35 -10.17 0.91
CA ASN A 254 -17.54 -8.93 0.14
C ASN A 254 -17.15 -7.67 0.90
N GLU A 255 -17.44 -7.66 2.19
CA GLU A 255 -17.14 -6.52 3.04
C GLU A 255 -15.64 -6.35 3.24
N LEU A 256 -14.93 -7.47 3.46
CA LEU A 256 -13.48 -7.42 3.53
C LEU A 256 -12.88 -6.99 2.21
N LEU A 257 -13.38 -7.52 1.09
CA LEU A 257 -12.86 -7.14 -0.22
C LEU A 257 -13.06 -5.65 -0.53
N ALA A 258 -14.23 -5.11 -0.20
CA ALA A 258 -14.48 -3.68 -0.37
C ALA A 258 -13.43 -2.84 0.34
N PHE A 259 -13.17 -3.18 1.59
CA PHE A 259 -12.14 -2.54 2.40
C PHE A 259 -10.78 -2.59 1.69
N ILE A 260 -10.43 -3.79 1.20
CA ILE A 260 -9.12 -3.99 0.58
C ILE A 260 -8.99 -3.24 -0.75
N PHE A 261 -10.08 -3.19 -1.52
CA PHE A 261 -10.08 -2.37 -2.74
C PHE A 261 -9.81 -0.91 -2.41
N ILE A 262 -10.41 -0.44 -1.33
CA ILE A 262 -10.20 0.93 -0.87
C ILE A 262 -8.75 1.16 -0.43
N VAL A 263 -8.17 0.19 0.28
CA VAL A 263 -6.76 0.29 0.64
C VAL A 263 -5.89 0.32 -0.63
N ARG A 264 -6.15 -0.58 -1.56
CA ARG A 264 -5.37 -0.62 -2.80
C ARG A 264 -5.42 0.74 -3.52
N ASP A 265 -6.59 1.33 -3.56
CA ASP A 265 -6.79 2.64 -4.18
C ASP A 265 -5.97 3.79 -3.55
N THR A 266 -5.44 3.61 -2.34
CA THR A 266 -4.58 4.64 -1.74
C THR A 266 -3.09 4.45 -2.07
N TYR A 267 -2.72 3.33 -2.68
CA TYR A 267 -1.34 3.11 -3.12
C TYR A 267 -1.17 3.55 -4.56
N LYS A 268 0.01 4.04 -4.90
CA LYS A 268 0.29 4.53 -6.26
C LYS A 268 0.88 3.39 -7.09
N ASN A 269 0.10 2.92 -8.06
CA ASN A 269 0.45 1.71 -8.83
C ASN A 269 1.74 1.84 -9.61
N GLY A 270 2.07 3.05 -10.04
CA GLY A 270 3.31 3.30 -10.78
C GLY A 270 4.56 3.44 -9.94
N ASN A 271 4.44 3.40 -8.62
CA ASN A 271 5.64 3.35 -7.77
C ASN A 271 6.29 1.99 -8.02
N PRO A 272 7.59 1.98 -8.39
CA PRO A 272 8.22 0.69 -8.61
C PRO A 272 8.30 -0.16 -7.34
N PHE A 273 8.53 0.47 -6.19
CA PHE A 273 8.68 -0.25 -4.93
C PHE A 273 7.55 -0.01 -3.94
N HIS A 274 7.33 1.25 -3.56
CA HIS A 274 6.36 1.58 -2.51
C HIS A 274 4.92 1.62 -3.04
N ASN A 275 4.44 0.44 -3.44
CA ASN A 275 3.13 0.29 -4.02
C ASN A 275 2.34 -0.72 -3.19
N PHE A 276 1.18 -1.12 -3.68
CA PHE A 276 0.31 -2.06 -2.95
C PHE A 276 0.99 -3.43 -2.80
N ARG A 277 1.78 -3.83 -3.80
CA ARG A 277 2.55 -5.08 -3.70
C ARG A 277 3.47 -5.09 -2.49
N HIS A 278 4.16 -3.97 -2.26
CA HIS A 278 5.01 -3.83 -1.07
C HIS A 278 4.20 -3.89 0.22
N ALA A 279 3.05 -3.23 0.26
CA ALA A 279 2.15 -3.28 1.43
C ALA A 279 1.77 -4.71 1.79
N VAL A 280 1.39 -5.49 0.77
CA VAL A 280 0.94 -6.86 0.97
C VAL A 280 2.11 -7.76 1.37
N ASP A 281 3.26 -7.53 0.77
CA ASP A 281 4.50 -8.21 1.13
C ASP A 281 4.87 -7.99 2.60
N VAL A 282 4.80 -6.74 3.06
CA VAL A 282 5.07 -6.40 4.46
C VAL A 282 4.03 -7.06 5.38
N LEU A 283 2.78 -7.00 4.98
CA LEU A 283 1.70 -7.71 5.67
C LEU A 283 2.03 -9.21 5.78
N GLN A 284 2.45 -9.79 4.65
CA GLN A 284 2.72 -11.22 4.59
C GLN A 284 3.90 -11.62 5.46
N ALA A 285 4.93 -10.77 5.49
CA ALA A 285 6.07 -10.98 6.38
C ALA A 285 5.64 -10.96 7.85
N CYS A 286 4.81 -9.97 8.21
CA CYS A 286 4.25 -9.89 9.57
C CYS A 286 3.42 -11.11 9.89
N PHE A 287 2.62 -11.52 8.92
CA PHE A 287 1.78 -12.70 9.03
C PHE A 287 2.63 -13.92 9.40
N HIS A 288 3.72 -14.13 8.65
CA HIS A 288 4.63 -15.24 8.95
C HIS A 288 5.28 -15.11 10.33
N PHE A 289 5.78 -13.92 10.66
CA PHE A 289 6.34 -13.67 11.99
C PHE A 289 5.35 -14.09 13.09
N LEU A 290 4.11 -13.64 12.97
CA LEU A 290 3.08 -13.91 13.99
C LEU A 290 2.72 -15.39 14.11
N ILE A 291 2.69 -16.09 12.98
CA ILE A 291 2.50 -17.54 12.98
C ILE A 291 3.65 -18.22 13.73
N ARG A 292 4.88 -17.85 13.39
CA ARG A 292 6.05 -18.46 14.01
C ARG A 292 6.22 -18.11 15.50
N LEU A 293 5.66 -16.98 15.92
CA LEU A 293 5.64 -16.60 17.35
C LEU A 293 4.43 -17.18 18.09
N GLY A 294 3.58 -17.91 17.39
CA GLY A 294 2.41 -18.53 18.01
C GLY A 294 1.23 -17.61 18.23
N SER A 295 1.28 -16.40 17.67
CA SER A 295 0.18 -15.45 17.79
C SER A 295 -0.96 -15.78 16.85
N LEU A 296 -0.66 -16.57 15.81
CA LEU A 296 -1.68 -17.16 14.97
C LEU A 296 -1.34 -18.63 14.81
N PRO A 297 -2.37 -19.48 14.67
CA PRO A 297 -2.10 -20.90 14.40
C PRO A 297 -1.59 -21.13 12.98
N LYS A 298 -0.85 -22.22 12.79
CA LYS A 298 -0.44 -22.62 11.45
C LYS A 298 -1.65 -23.12 10.67
N PHE A 299 -1.51 -23.13 9.34
CA PHE A 299 -2.61 -23.54 8.48
C PHE A 299 -2.09 -24.59 7.50
N LYS A 300 -3.00 -25.31 6.87
CA LYS A 300 -2.62 -26.45 6.02
C LYS A 300 -1.68 -26.05 4.88
N GLN A 301 -1.82 -24.82 4.38
CA GLN A 301 -1.04 -24.34 3.23
C GLN A 301 0.27 -23.65 3.63
N PHE A 302 0.58 -23.62 4.93
CA PHE A 302 1.80 -23.03 5.43
C PHE A 302 3.03 -23.90 5.12
N VAL A 303 4.08 -23.28 4.59
CA VAL A 303 5.30 -23.98 4.20
C VAL A 303 6.32 -23.82 5.32
N GLU A 304 6.55 -24.90 6.05
CA GLU A 304 7.32 -24.86 7.29
C GLU A 304 8.75 -24.36 7.10
N ASP A 305 9.40 -24.78 6.03
CA ASP A 305 10.80 -24.46 5.79
C ASP A 305 10.91 -23.11 5.07
N PRO A 306 11.39 -22.07 5.77
CA PRO A 306 11.41 -20.73 5.17
C PRO A 306 12.41 -20.57 4.03
N LYS A 307 13.43 -21.44 3.97
CA LYS A 307 14.48 -21.32 2.97
C LYS A 307 14.09 -21.81 1.57
N LEU A 308 12.95 -22.48 1.44
CA LEU A 308 12.53 -23.00 0.13
C LEU A 308 12.13 -21.86 -0.79
N ASP A 309 12.42 -22.01 -2.08
CA ASP A 309 11.91 -21.08 -3.07
C ASP A 309 10.44 -21.41 -3.31
N TYR A 310 9.73 -20.53 -4.00
CA TYR A 310 8.32 -20.73 -4.27
C TYR A 310 8.09 -21.82 -5.29
N THR A 311 7.13 -22.70 -4.98
CA THR A 311 6.59 -23.64 -5.94
C THR A 311 5.09 -23.38 -6.03
N GLU A 312 4.57 -23.36 -7.24
CA GLU A 312 3.16 -23.11 -7.48
C GLU A 312 2.33 -24.36 -7.17
N VAL A 313 1.66 -24.33 -6.02
CA VAL A 313 0.91 -25.48 -5.52
C VAL A 313 -0.55 -25.09 -5.44
N HIS A 314 -1.44 -26.08 -5.62
CA HIS A 314 -2.84 -25.87 -5.26
C HIS A 314 -3.55 -27.18 -4.92
N ASP A 315 -4.69 -27.04 -4.24
CA ASP A 315 -5.56 -28.16 -3.87
C ASP A 315 -7.01 -27.66 -3.99
N LYS A 316 -7.96 -28.21 -3.24
CA LYS A 316 -9.37 -27.81 -3.41
C LYS A 316 -9.84 -26.69 -2.47
N HIS A 317 -9.00 -26.29 -1.52
CA HIS A 317 -9.35 -25.23 -0.57
C HIS A 317 -9.06 -23.85 -1.18
N THR A 318 -9.94 -22.88 -0.92
CA THR A 318 -9.76 -21.51 -1.41
C THR A 318 -9.55 -20.49 -0.29
N VAL A 319 -9.55 -20.94 0.96
CA VAL A 319 -9.14 -20.12 2.09
C VAL A 319 -8.13 -20.88 2.93
N LEU A 320 -7.48 -20.19 3.85
CA LEU A 320 -6.48 -20.81 4.73
C LEU A 320 -7.20 -21.72 5.73
N ILE A 321 -6.68 -22.93 5.94
CA ILE A 321 -7.31 -23.89 6.85
C ILE A 321 -6.44 -24.08 8.08
N ALA A 322 -6.88 -23.49 9.19
CA ALA A 322 -6.11 -23.53 10.43
C ALA A 322 -5.97 -24.96 10.94
N LEU A 323 -4.89 -25.20 11.70
CA LEU A 323 -4.62 -26.51 12.27
C LEU A 323 -4.75 -26.48 13.79
N LYS A 331 1.75 -18.41 26.58
CA LYS A 331 1.01 -17.37 25.83
C LYS A 331 1.93 -16.57 24.90
N ALA A 332 1.38 -16.17 23.75
CA ALA A 332 2.13 -15.42 22.75
C ALA A 332 2.31 -13.98 23.18
N SER A 333 3.36 -13.35 22.67
CA SER A 333 3.66 -11.95 22.98
C SER A 333 2.50 -11.02 22.66
N LEU A 334 1.85 -11.26 21.51
CA LEU A 334 0.69 -10.47 21.09
C LEU A 334 -0.57 -11.31 21.04
N ASN A 335 -1.62 -10.81 21.71
CA ASN A 335 -2.93 -11.48 21.72
C ASN A 335 -3.67 -11.29 20.38
N PRO A 336 -4.85 -11.92 20.21
CA PRO A 336 -5.53 -11.88 18.91
C PRO A 336 -5.86 -10.48 18.36
N ILE A 337 -6.31 -9.55 19.21
CA ILE A 337 -6.64 -8.21 18.71
C ILE A 337 -5.40 -7.38 18.37
N GLN A 338 -4.34 -7.53 19.17
CA GLN A 338 -3.04 -6.90 18.88
C GLN A 338 -2.42 -7.43 17.59
N THR A 339 -2.58 -8.73 17.37
CA THR A 339 -2.12 -9.42 16.17
C THR A 339 -2.81 -8.82 14.94
N LEU A 340 -4.14 -8.71 15.00
CA LEU A 340 -4.92 -8.07 13.94
C LEU A 340 -4.50 -6.62 13.72
N GLY A 341 -4.31 -5.88 14.82
CA GLY A 341 -3.89 -4.48 14.76
C GLY A 341 -2.57 -4.30 14.04
N LEU A 342 -1.63 -5.20 14.32
CA LEU A 342 -0.33 -5.19 13.67
C LEU A 342 -0.47 -5.46 12.17
N LEU A 343 -1.26 -6.47 11.80
CA LEU A 343 -1.43 -6.82 10.40
C LEU A 343 -2.10 -5.69 9.63
N VAL A 344 -3.09 -5.06 10.25
CA VAL A 344 -3.79 -3.92 9.65
C VAL A 344 -2.80 -2.75 9.47
N ALA A 345 -1.96 -2.53 10.48
CA ALA A 345 -0.92 -1.49 10.41
C ALA A 345 0.06 -1.77 9.27
N ALA A 346 0.47 -3.02 9.12
CA ALA A 346 1.36 -3.40 8.03
C ALA A 346 0.72 -3.13 6.67
N LEU A 347 -0.54 -3.48 6.54
CA LEU A 347 -1.30 -3.22 5.32
C LEU A 347 -1.31 -1.73 4.95
N GLY A 348 -1.47 -0.86 5.93
CA GLY A 348 -1.61 0.58 5.70
C GLY A 348 -0.35 1.41 5.88
N HIS A 349 0.78 0.77 6.15
CA HIS A 349 1.95 1.50 6.66
C HIS A 349 2.63 2.43 5.64
N ASP A 350 2.36 2.24 4.36
CA ASP A 350 2.88 3.15 3.32
C ASP A 350 1.79 3.81 2.47
N VAL A 351 0.55 3.87 2.97
CA VAL A 351 -0.56 4.40 2.14
C VAL A 351 -0.23 5.79 1.59
N GLY A 352 -0.47 5.99 0.30
CA GLY A 352 -0.28 7.30 -0.31
C GLY A 352 1.16 7.62 -0.62
N HIS A 353 2.05 6.66 -0.45
CA HIS A 353 3.48 6.90 -0.65
C HIS A 353 3.68 7.42 -2.07
N PRO A 354 4.37 8.57 -2.22
CA PRO A 354 4.50 9.22 -3.54
C PRO A 354 5.72 8.76 -4.38
N GLY A 355 6.52 7.88 -3.83
CA GLY A 355 7.64 7.28 -4.55
C GLY A 355 8.94 8.03 -4.31
N THR A 356 9.02 8.79 -3.21
CA THR A 356 10.22 9.54 -2.83
C THR A 356 10.79 8.99 -1.50
N THR A 357 11.56 9.79 -0.79
CA THR A 357 12.15 9.40 0.50
C THR A 357 12.02 10.60 1.43
N ASN A 358 12.14 10.39 2.75
CA ASN A 358 12.13 11.52 3.67
C ASN A 358 13.24 12.53 3.36
N ASP A 359 14.43 12.03 3.03
CA ASP A 359 15.55 12.90 2.67
C ASP A 359 15.19 13.85 1.52
N PHE A 360 14.59 13.32 0.46
CA PHE A 360 14.17 14.16 -0.68
C PHE A 360 13.16 15.21 -0.23
N MET A 361 12.16 14.78 0.54
CA MET A 361 11.09 15.68 0.93
C MET A 361 11.64 16.82 1.79
N ILE A 362 12.56 16.48 2.70
CA ILE A 362 13.18 17.46 3.57
C ILE A 362 14.07 18.43 2.78
N LYS A 363 14.97 17.87 1.97
CA LYS A 363 15.97 18.70 1.27
C LYS A 363 15.34 19.63 0.25
N PHE A 364 14.23 19.21 -0.37
CA PHE A 364 13.56 20.04 -1.37
C PHE A 364 12.34 20.78 -0.81
N SER A 365 12.21 20.82 0.51
CA SER A 365 11.19 21.64 1.17
C SER A 365 9.78 21.35 0.63
N ALA A 366 9.48 20.06 0.46
CA ALA A 366 8.14 19.62 0.10
C ALA A 366 7.16 20.11 1.18
N PRO A 367 5.98 20.60 0.76
CA PRO A 367 4.99 21.06 1.72
C PRO A 367 4.74 20.13 2.90
N THR A 368 4.68 18.82 2.67
CA THR A 368 4.47 17.89 3.78
C THR A 368 5.64 17.87 4.77
N ALA A 369 6.87 18.07 4.26
CA ALA A 369 8.04 18.21 5.13
C ALA A 369 7.91 19.49 5.97
N LEU A 370 7.38 20.55 5.36
CA LEU A 370 7.17 21.79 6.09
C LEU A 370 6.08 21.64 7.16
N LEU A 371 5.00 20.91 6.84
CA LEU A 371 3.94 20.61 7.81
C LEU A 371 4.47 19.84 9.00
N TYR A 372 5.30 18.85 8.71
CA TYR A 372 5.75 17.90 9.71
C TYR A 372 7.12 18.23 10.30
N ASN A 373 7.61 19.43 10.01
CA ASN A 373 8.85 19.94 10.58
C ASN A 373 10.03 18.99 10.39
N ASP A 374 10.07 18.35 9.22
CA ASP A 374 11.10 17.38 8.85
C ASP A 374 11.11 16.11 9.70
N ARG A 375 10.11 15.89 10.53
CA ARG A 375 10.12 14.77 11.48
C ARG A 375 9.22 13.64 11.01
N SER A 376 9.83 12.53 10.60
CA SER A 376 9.07 11.36 10.13
C SER A 376 8.02 11.79 9.11
N VAL A 377 8.46 12.45 8.05
CA VAL A 377 7.53 13.17 7.15
C VAL A 377 6.55 12.22 6.49
N LEU A 378 7.05 11.25 5.73
CA LEU A 378 6.18 10.33 4.99
C LEU A 378 5.35 9.46 5.92
N GLU A 379 5.97 8.99 7.00
CA GLU A 379 5.27 8.09 7.92
C GLU A 379 4.14 8.79 8.67
N SER A 380 4.34 10.06 9.02
CA SER A 380 3.28 10.86 9.63
C SER A 380 2.10 10.95 8.66
N TYR A 381 2.42 11.20 7.40
CA TYR A 381 1.47 11.23 6.31
C TYR A 381 0.72 9.89 6.16
N HIS A 382 1.45 8.77 6.13
CA HIS A 382 0.81 7.45 6.00
C HIS A 382 -0.16 7.20 7.15
N ALA A 383 0.28 7.49 8.37
CA ALA A 383 -0.55 7.23 9.56
C ALA A 383 -1.84 8.06 9.53
N SER A 384 -1.69 9.33 9.16
CA SER A 384 -2.84 10.24 9.12
C SER A 384 -3.84 9.84 8.05
N LEU A 385 -3.34 9.54 6.85
CA LEU A 385 -4.22 9.03 5.80
C LEU A 385 -4.86 7.69 6.15
N PHE A 386 -4.09 6.76 6.67
CA PHE A 386 -4.63 5.41 6.86
C PHE A 386 -5.75 5.43 7.90
N ILE A 387 -5.54 6.16 8.97
CA ILE A 387 -6.54 6.27 10.02
C ILE A 387 -7.74 7.11 9.56
N ASN A 388 -7.48 8.31 9.07
CA ASN A 388 -8.55 9.27 8.85
C ASN A 388 -9.28 9.11 7.53
N LYS A 389 -8.62 8.59 6.51
CA LYS A 389 -9.28 8.32 5.26
C LYS A 389 -9.85 6.92 5.23
N VAL A 390 -9.02 5.93 5.53
CA VAL A 390 -9.42 4.54 5.30
C VAL A 390 -10.19 3.95 6.49
N LEU A 391 -9.55 3.82 7.64
CA LEU A 391 -10.13 3.10 8.76
C LEU A 391 -11.31 3.82 9.40
N ARG A 392 -11.29 5.15 9.42
CA ARG A 392 -12.39 5.93 10.00
C ARG A 392 -13.71 5.68 9.27
N ILE A 393 -13.62 5.48 7.96
CA ILE A 393 -14.78 5.21 7.13
C ILE A 393 -15.07 3.70 7.02
N CYS A 394 -14.04 2.92 6.75
CA CYS A 394 -14.21 1.48 6.46
C CYS A 394 -14.32 0.57 7.69
N TRP A 395 -13.68 0.94 8.79
CA TRP A 395 -13.60 0.07 9.95
C TRP A 395 -13.49 0.88 11.26
N PRO A 396 -14.39 1.86 11.45
CA PRO A 396 -14.32 2.73 12.62
C PRO A 396 -14.33 2.00 13.96
N ASP A 397 -15.05 0.87 14.04
CA ASP A 397 -15.13 0.10 15.28
C ASP A 397 -13.82 -0.56 15.66
N LEU A 398 -12.96 -0.85 14.68
CA LEU A 398 -11.62 -1.36 15.00
C LEU A 398 -10.78 -0.28 15.69
N LEU A 399 -10.93 0.98 15.29
CA LEU A 399 -10.14 2.07 15.87
C LEU A 399 -10.43 2.29 17.35
N THR A 400 -11.66 2.03 17.76
CA THR A 400 -12.10 2.26 19.15
C THR A 400 -11.90 1.04 20.07
N CYS A 401 -11.56 -0.12 19.51
CA CYS A 401 -11.15 -1.27 20.33
C CYS A 401 -9.89 -0.92 21.11
N THR A 402 -9.73 -1.53 22.27
CA THR A 402 -8.50 -1.40 23.06
C THR A 402 -7.71 -2.71 22.97
N ILE A 403 -6.41 -2.64 23.28
CA ILE A 403 -5.53 -3.80 23.11
C ILE A 403 -5.83 -4.94 24.08
N GLU A 404 -6.45 -4.60 25.21
CA GLU A 404 -6.99 -5.58 26.15
C GLU A 404 -8.12 -4.92 26.94
N GLU A 405 -8.91 -5.73 27.63
CA GLU A 405 -10.03 -5.22 28.43
C GLU A 405 -9.58 -4.18 29.46
N LYS A 406 -8.43 -4.39 30.06
CA LYS A 406 -7.91 -3.51 31.11
C LYS A 406 -7.31 -2.21 30.55
N SER A 407 -6.84 -2.25 29.31
CA SER A 407 -6.04 -1.16 28.75
C SER A 407 -6.90 -0.03 28.19
N GLU A 408 -6.39 1.18 28.29
CA GLU A 408 -7.01 2.35 27.63
C GLU A 408 -6.36 2.61 26.27
N LEU A 409 -5.25 1.93 25.98
CA LEU A 409 -4.56 2.08 24.70
C LEU A 409 -5.38 1.50 23.55
N THR A 410 -5.82 2.37 22.64
CA THR A 410 -6.68 1.97 21.53
C THR A 410 -5.88 1.33 20.40
N ILE A 411 -6.58 0.55 19.58
CA ILE A 411 -5.97 -0.01 18.37
C ILE A 411 -5.59 1.11 17.42
N ARG A 412 -6.38 2.18 17.35
CA ARG A 412 -5.98 3.38 16.60
C ARG A 412 -4.57 3.84 17.01
N SER A 413 -4.34 4.01 18.30
CA SER A 413 -3.05 4.47 18.81
C SER A 413 -1.91 3.47 18.52
N LEU A 414 -2.21 2.18 18.64
CA LEU A 414 -1.24 1.14 18.33
C LEU A 414 -0.86 1.16 16.85
N ILE A 415 -1.84 1.35 15.98
CA ILE A 415 -1.59 1.41 14.54
C ILE A 415 -0.69 2.60 14.23
N ILE A 416 -1.00 3.74 14.84
CA ILE A 416 -0.20 4.96 14.65
C ILE A 416 1.23 4.75 15.09
N SER A 417 1.38 4.24 16.30
CA SER A 417 2.68 3.92 16.84
C SER A 417 3.50 3.04 15.90
N SER A 418 2.90 1.98 15.39
CA SER A 418 3.59 1.00 14.57
C SER A 418 3.96 1.59 13.21
N ILE A 419 3.04 2.35 12.61
CA ILE A 419 3.34 3.00 11.35
C ILE A 419 4.50 4.00 11.50
N LEU A 420 4.46 4.80 12.57
CA LEU A 420 5.52 5.78 12.82
C LEU A 420 6.88 5.12 13.05
N ALA A 421 6.86 3.92 13.62
CA ALA A 421 8.07 3.14 13.87
C ALA A 421 8.82 2.72 12.59
N THR A 422 8.18 2.80 11.42
CA THR A 422 8.86 2.41 10.17
C THR A 422 9.78 3.48 9.58
N ASP A 423 9.82 4.66 10.20
CA ASP A 423 10.75 5.69 9.80
C ASP A 423 12.19 5.25 10.08
N MET A 424 12.96 4.99 9.03
CA MET A 424 14.35 4.54 9.18
C MET A 424 15.28 5.58 9.80
N GLY A 425 14.87 6.85 9.76
CA GLY A 425 15.58 7.90 10.49
C GLY A 425 15.51 7.76 12.00
N GLU A 426 14.54 6.98 12.50
CA GLU A 426 14.45 6.67 13.93
C GLU A 426 14.89 5.23 14.23
N HIS A 427 15.54 4.58 13.26
CA HIS A 427 15.95 3.18 13.38
C HIS A 427 16.76 2.92 14.66
N ASN A 428 17.77 3.75 14.89
CA ASN A 428 18.67 3.57 16.02
C ASN A 428 17.98 3.68 17.38
N GLU A 429 16.98 4.55 17.51
CA GLU A 429 16.27 4.69 18.78
C GLU A 429 15.44 3.46 19.13
N TYR A 430 14.82 2.83 18.13
CA TYR A 430 14.05 1.59 18.37
C TYR A 430 14.99 0.42 18.73
N VAL A 431 16.18 0.40 18.12
CA VAL A 431 17.20 -0.59 18.45
C VAL A 431 17.68 -0.42 19.90
N ASN A 432 17.87 0.83 20.33
CA ASN A 432 18.31 1.13 21.70
C ASN A 432 17.22 0.90 22.74
N ARG A 433 15.98 1.21 22.38
CA ARG A 433 14.84 0.92 23.27
C ARG A 433 14.64 -0.58 23.43
N LEU A 434 14.99 -1.36 22.42
CA LEU A 434 14.96 -2.82 22.50
C LEU A 434 16.06 -3.34 23.44
N LYS A 435 17.27 -2.80 23.28
CA LYS A 435 18.40 -3.22 24.13
C LYS A 435 18.19 -2.82 25.59
N SER A 436 17.59 -1.66 25.83
CA SER A 436 17.20 -1.25 27.19
C SER A 436 16.13 -2.18 27.77
N PHE A 437 15.16 -2.56 26.94
CA PHE A 437 14.07 -3.46 27.34
C PHE A 437 14.57 -4.87 27.68
N LYS A 438 15.53 -5.37 26.89
CA LYS A 438 16.08 -6.70 27.12
C LYS A 438 16.85 -6.75 28.46
N THR A 439 17.43 -5.61 28.86
CA THR A 439 18.14 -5.49 30.13
C THR A 439 17.19 -4.99 31.22
N ILE A 443 12.41 -0.65 32.44
CA ILE A 443 11.31 -1.60 32.10
C ILE A 443 10.04 -0.84 31.71
N LEU A 444 9.21 -1.51 30.90
CA LEU A 444 7.98 -0.92 30.36
C LEU A 444 6.76 -1.61 30.93
N ASN A 445 5.65 -0.86 31.06
CA ASN A 445 4.36 -1.45 31.39
C ASN A 445 3.82 -2.27 30.21
N HIS A 446 2.64 -2.87 30.36
CA HIS A 446 2.11 -3.75 29.32
C HIS A 446 1.88 -3.04 28.00
N ASP A 447 1.22 -1.87 28.06
CA ASP A 447 0.94 -1.06 26.87
C ASP A 447 2.21 -0.79 26.05
N ASN A 448 3.23 -0.27 26.72
CA ASN A 448 4.48 0.07 26.03
C ASN A 448 5.28 -1.15 25.58
N THR A 449 5.07 -2.29 26.24
CA THR A 449 5.63 -3.55 25.79
C THR A 449 4.96 -4.00 24.48
N VAL A 450 3.64 -3.88 24.42
CA VAL A 450 2.90 -4.21 23.20
C VAL A 450 3.33 -3.30 22.04
N LYS A 451 3.44 -2.00 22.32
CA LYS A 451 3.92 -1.00 21.34
C LYS A 451 5.30 -1.33 20.79
N LEU A 452 6.22 -1.70 21.68
CA LEU A 452 7.59 -1.96 21.28
C LEU A 452 7.71 -3.22 20.42
N ILE A 453 7.07 -4.29 20.87
CA ILE A 453 7.09 -5.53 20.12
C ILE A 453 6.47 -5.32 18.73
N SER A 454 5.33 -4.64 18.69
CA SER A 454 4.66 -4.31 17.44
C SER A 454 5.56 -3.47 16.54
N ALA A 455 6.18 -2.45 17.12
CA ALA A 455 7.15 -1.59 16.42
C ALA A 455 8.30 -2.40 15.82
N LEU A 456 8.84 -3.32 16.59
CA LEU A 456 9.96 -4.13 16.13
C LEU A 456 9.54 -5.07 15.00
N LEU A 457 8.37 -5.69 15.11
CA LEU A 457 7.92 -6.63 14.10
C LEU A 457 7.62 -5.92 12.78
N ILE A 458 6.98 -4.75 12.85
CA ILE A 458 6.63 -4.02 11.64
C ILE A 458 7.92 -3.48 10.97
N LYS A 459 8.90 -3.07 11.78
CA LYS A 459 10.20 -2.65 11.23
C LYS A 459 10.86 -3.78 10.49
N CYS A 460 10.89 -4.96 11.11
CA CYS A 460 11.45 -6.15 10.49
C CYS A 460 10.72 -6.51 9.19
N ALA A 461 9.40 -6.48 9.23
CA ALA A 461 8.59 -6.80 8.05
C ALA A 461 8.83 -5.80 6.93
N ASP A 462 8.96 -4.53 7.28
CA ASP A 462 9.14 -3.47 6.30
C ASP A 462 10.43 -3.61 5.51
N ILE A 463 11.50 -4.06 6.17
CA ILE A 463 12.78 -4.25 5.48
C ILE A 463 13.09 -5.74 5.25
N SER A 464 12.04 -6.55 5.18
CA SER A 464 12.18 -8.01 5.11
C SER A 464 12.66 -8.54 3.76
N ASN A 465 12.69 -7.69 2.74
CA ASN A 465 13.18 -8.12 1.42
C ASN A 465 14.59 -8.73 1.45
N VAL A 466 15.46 -8.24 2.33
CA VAL A 466 16.81 -8.80 2.49
C VAL A 466 16.82 -10.14 3.26
N THR A 467 15.71 -10.48 3.90
CA THR A 467 15.55 -11.76 4.59
C THR A 467 14.74 -12.79 3.81
N ARG A 468 14.27 -12.43 2.62
CA ARG A 468 13.63 -13.41 1.72
C ARG A 468 14.73 -14.20 1.03
N PRO A 469 14.41 -15.40 0.53
CA PRO A 469 15.42 -16.15 -0.22
C PRO A 469 15.95 -15.37 -1.40
N LEU A 470 17.20 -15.63 -1.74
CA LEU A 470 18.00 -14.80 -2.64
C LEU A 470 17.29 -14.28 -3.91
N ARG A 471 16.64 -15.18 -4.65
CA ARG A 471 16.01 -14.82 -5.92
C ARG A 471 14.96 -13.71 -5.74
N VAL A 472 14.05 -13.90 -4.78
CA VAL A 472 12.99 -12.93 -4.51
C VAL A 472 13.58 -11.64 -3.95
N SER A 473 14.57 -11.79 -3.07
CA SER A 473 15.30 -10.68 -2.49
C SER A 473 15.92 -9.82 -3.59
N ALA A 474 16.47 -10.48 -4.60
CA ALA A 474 17.08 -9.77 -5.74
C ALA A 474 16.04 -8.99 -6.56
N GLN A 475 14.85 -9.57 -6.74
CA GLN A 475 13.78 -8.88 -7.48
C GLN A 475 13.40 -7.59 -6.77
N TRP A 476 13.21 -7.66 -5.46
CA TRP A 476 12.95 -6.47 -4.64
C TRP A 476 14.06 -5.43 -4.77
N ALA A 477 15.30 -5.88 -4.72
CA ALA A 477 16.46 -5.00 -4.87
C ALA A 477 16.39 -4.22 -6.19
N MET A 478 16.01 -4.92 -7.25
CA MET A 478 15.90 -4.31 -8.57
C MET A 478 14.82 -3.22 -8.63
N VAL A 479 13.62 -3.51 -8.12
CA VAL A 479 12.55 -2.51 -8.19
C VAL A 479 12.80 -1.35 -7.24
N LEU A 480 13.46 -1.60 -6.12
CA LEU A 480 13.90 -0.51 -5.24
C LEU A 480 14.89 0.39 -5.98
N SER A 481 15.80 -0.22 -6.75
CA SER A 481 16.72 0.56 -7.58
C SER A 481 16.00 1.42 -8.62
N ARG A 482 14.92 0.90 -9.21
CA ARG A 482 14.13 1.69 -10.15
C ARG A 482 13.58 2.93 -9.47
N GLU A 483 13.03 2.76 -8.28
CA GLU A 483 12.42 3.89 -7.59
C GLU A 483 13.47 4.93 -7.21
N PHE A 484 14.62 4.49 -6.70
CA PHE A 484 15.73 5.39 -6.40
C PHE A 484 16.20 6.19 -7.62
N ALA A 485 16.25 5.54 -8.77
CA ALA A 485 16.61 6.21 -10.03
C ALA A 485 15.60 7.30 -10.44
N GLU A 486 14.32 7.04 -10.20
CA GLU A 486 13.28 8.05 -10.46
C GLU A 486 13.43 9.26 -9.55
N VAL A 487 13.76 9.03 -8.29
CA VAL A 487 13.98 10.13 -7.34
C VAL A 487 15.17 10.98 -7.78
N GLU A 488 16.24 10.33 -8.22
CA GLU A 488 17.41 11.06 -8.73
C GLU A 488 17.06 11.89 -9.96
N LEU A 489 16.21 11.34 -10.82
CA LEU A 489 15.74 12.07 -11.99
C LEU A 489 14.87 13.27 -11.59
N LEU A 490 13.99 13.07 -10.62
CA LEU A 490 13.17 14.18 -10.12
C LEU A 490 14.02 15.31 -9.55
N LYS A 491 15.04 14.96 -8.76
CA LYS A 491 15.96 15.96 -8.23
C LYS A 491 16.62 16.76 -9.36
N SER A 492 17.05 16.07 -10.42
CA SER A 492 17.72 16.74 -11.54
C SER A 492 16.78 17.65 -12.29
N VAL A 493 15.50 17.27 -12.38
CA VAL A 493 14.49 18.11 -13.01
C VAL A 493 14.28 19.38 -12.18
N ILE A 494 14.12 19.22 -10.87
CA ILE A 494 13.93 20.38 -9.99
C ILE A 494 15.14 21.31 -10.04
N LYS A 495 16.34 20.73 -10.00
CA LYS A 495 17.59 21.50 -10.05
C LYS A 495 17.90 22.05 -11.44
N LYS A 496 17.09 21.69 -12.43
CA LYS A 496 17.29 22.12 -13.83
C LYS A 496 18.60 21.57 -14.41
N ASP A 497 18.97 20.36 -13.99
CA ASP A 497 20.13 19.65 -14.51
C ASP A 497 19.78 18.71 -15.65
N ILE A 498 18.49 18.63 -15.99
CA ILE A 498 18.03 17.80 -17.08
C ILE A 498 16.69 18.30 -17.60
N ASP A 499 16.49 18.24 -18.90
CA ASP A 499 15.22 18.60 -19.52
C ASP A 499 14.56 17.34 -20.10
N LEU A 500 13.47 16.90 -19.47
CA LEU A 500 12.74 15.72 -19.89
C LEU A 500 11.63 16.06 -20.89
N ASP A 501 11.31 15.09 -21.73
CA ASP A 501 10.12 15.17 -22.58
C ASP A 501 8.91 14.71 -21.77
N PHE A 502 8.09 15.67 -21.35
CA PHE A 502 6.97 15.37 -20.46
C PHE A 502 5.72 14.84 -21.21
N THR A 503 5.81 14.75 -22.54
CA THR A 503 4.75 14.14 -23.35
C THR A 503 4.85 12.62 -23.44
N LYS A 504 5.89 12.03 -22.85
CA LYS A 504 6.03 10.58 -22.83
C LYS A 504 6.17 10.09 -21.38
N ASP A 505 5.80 8.84 -21.14
CA ASP A 505 5.85 8.30 -19.78
C ASP A 505 7.00 7.33 -19.64
N LEU A 506 7.43 7.09 -18.40
CA LEU A 506 8.44 6.09 -18.09
C LEU A 506 7.79 4.71 -18.04
N THR A 507 8.35 3.77 -18.78
CA THR A 507 7.86 2.40 -18.79
C THR A 507 9.00 1.44 -18.48
N TYR A 508 8.66 0.28 -17.93
CA TYR A 508 9.66 -0.72 -17.55
C TYR A 508 9.31 -2.10 -18.12
N ASP A 509 10.35 -2.87 -18.42
CA ASP A 509 10.18 -4.30 -18.70
C ASP A 509 9.85 -5.01 -17.39
N ASP A 510 9.26 -6.19 -17.51
CA ASP A 510 8.93 -6.99 -16.34
C ASP A 510 10.18 -7.31 -15.55
N VAL A 511 10.02 -7.48 -14.25
CA VAL A 511 11.10 -7.92 -13.39
C VAL A 511 11.44 -9.34 -13.82
N PRO A 512 12.74 -9.64 -14.04
CA PRO A 512 13.08 -11.00 -14.45
C PRO A 512 12.73 -12.04 -13.39
N HIS A 513 12.40 -13.24 -13.83
CA HIS A 513 12.12 -14.36 -12.93
C HIS A 513 13.41 -14.91 -12.30
N GLU A 514 14.48 -14.96 -13.08
CA GLU A 514 15.70 -15.65 -12.65
C GLU A 514 16.80 -14.69 -12.20
N LEU A 515 17.48 -15.09 -11.13
CA LEU A 515 18.57 -14.30 -10.56
C LEU A 515 19.60 -13.89 -11.61
N ARG A 516 19.98 -14.80 -12.50
CA ARG A 516 21.01 -14.52 -13.50
C ARG A 516 20.67 -13.30 -14.37
N GLU A 517 19.45 -13.25 -14.88
CA GLU A 517 19.03 -12.12 -15.72
C GLU A 517 18.99 -10.81 -14.93
N ILE A 518 18.62 -10.88 -13.65
CA ILE A 518 18.61 -9.70 -12.78
C ILE A 518 20.03 -9.13 -12.64
N LEU A 519 20.99 -10.01 -12.36
CA LEU A 519 22.39 -9.61 -12.20
C LEU A 519 22.97 -9.07 -13.50
N GLU A 520 22.50 -9.60 -14.62
CA GLU A 520 22.93 -9.16 -15.93
C GLU A 520 22.36 -7.80 -16.30
N ILE A 521 21.12 -7.54 -15.89
CA ILE A 521 20.45 -6.27 -16.17
C ILE A 521 21.08 -5.14 -15.35
N GLN A 522 21.39 -5.42 -14.09
CA GLN A 522 22.16 -4.48 -13.28
C GLN A 522 23.15 -5.20 -12.37
N PRO A 523 24.39 -5.38 -12.85
CA PRO A 523 25.44 -5.78 -11.93
C PRO A 523 25.74 -4.58 -11.06
N ASP A 524 26.31 -4.83 -9.88
CA ASP A 524 26.46 -3.81 -8.82
C ASP A 524 25.22 -3.71 -7.92
N ILE A 525 24.19 -4.52 -8.17
CA ILE A 525 23.10 -4.69 -7.20
C ILE A 525 23.68 -5.08 -5.85
N HIS A 526 24.75 -5.89 -5.88
CA HIS A 526 25.40 -6.36 -4.66
C HIS A 526 25.77 -5.25 -3.67
N LYS A 527 26.29 -4.13 -4.13
CA LYS A 527 26.82 -3.12 -3.19
C LYS A 527 25.74 -2.38 -2.41
N GLY A 528 24.58 -2.17 -3.03
CA GLY A 528 23.41 -1.67 -2.30
C GLY A 528 22.99 -2.62 -1.17
N GLN A 529 23.00 -3.91 -1.46
CA GLN A 529 22.56 -4.93 -0.49
C GLN A 529 23.55 -5.08 0.66
N ILE A 530 24.83 -5.06 0.34
CA ILE A 530 25.88 -5.16 1.36
C ILE A 530 25.82 -3.95 2.29
N PHE A 531 25.73 -2.76 1.71
CA PHE A 531 25.61 -1.51 2.47
C PHE A 531 24.44 -1.58 3.44
N PHE A 532 23.26 -1.96 2.93
CA PHE A 532 22.03 -1.97 3.73
C PHE A 532 22.04 -3.03 4.81
N ILE A 533 22.55 -4.22 4.49
CA ILE A 533 22.66 -5.29 5.47
C ILE A 533 23.65 -4.94 6.58
N ASN A 534 24.80 -4.37 6.23
CA ASN A 534 25.80 -3.98 7.22
C ASN A 534 25.36 -2.87 8.16
N LEU A 535 24.67 -1.85 7.64
CA LEU A 535 24.33 -0.66 8.43
C LEU A 535 22.95 -0.69 9.10
N PHE A 536 22.04 -1.55 8.63
CA PHE A 536 20.67 -1.57 9.17
C PHE A 536 20.13 -2.97 9.49
N ALA A 537 20.14 -3.86 8.51
CA ALA A 537 19.39 -5.11 8.60
C ALA A 537 20.00 -6.10 9.60
N GLU A 538 21.29 -6.38 9.44
CA GLU A 538 21.96 -7.38 10.27
C GLU A 538 21.73 -7.10 11.76
N ASN A 539 22.02 -5.88 12.18
CA ASN A 539 21.87 -5.49 13.58
C ASN A 539 20.42 -5.59 14.08
N LEU A 540 19.46 -5.23 13.24
CA LEU A 540 18.05 -5.24 13.65
C LEU A 540 17.52 -6.67 13.85
N PHE A 541 17.75 -7.52 12.87
CA PHE A 541 17.21 -8.89 12.92
C PHE A 541 17.92 -9.74 13.99
N ASN A 542 19.23 -9.53 14.15
CA ASN A 542 19.98 -10.21 15.22
C ASN A 542 19.46 -9.82 16.61
N SER A 543 19.20 -8.54 16.81
CA SER A 543 18.70 -8.06 18.10
C SER A 543 17.28 -8.53 18.38
N VAL A 544 16.43 -8.53 17.35
CA VAL A 544 15.04 -8.99 17.50
C VAL A 544 14.97 -10.49 17.75
N SER A 545 15.80 -11.25 17.04
CA SER A 545 15.85 -12.70 17.22
C SER A 545 16.38 -13.11 18.61
N ASP A 546 17.23 -12.28 19.21
CA ASP A 546 17.68 -12.51 20.59
C ASP A 546 16.49 -12.45 21.55
N LEU A 547 15.58 -11.51 21.31
CA LEU A 547 14.36 -11.39 22.10
C LEU A 547 13.34 -12.44 21.69
N LEU A 548 13.26 -12.71 20.39
CA LEU A 548 12.25 -13.60 19.82
C LEU A 548 12.91 -14.70 18.97
N PRO A 549 13.45 -15.75 19.62
CA PRO A 549 14.21 -16.83 18.97
C PRO A 549 13.55 -17.49 17.74
N GLN A 550 12.22 -17.50 17.70
CA GLN A 550 11.49 -18.12 16.58
C GLN A 550 11.78 -17.43 15.24
N LEU A 551 12.25 -16.18 15.28
CA LEU A 551 12.57 -15.43 14.07
C LEU A 551 14.04 -15.53 13.66
N GLN A 552 14.79 -16.44 14.29
CA GLN A 552 16.22 -16.65 13.97
C GLN A 552 16.47 -16.96 12.49
N TYR A 553 15.54 -17.67 11.86
CA TYR A 553 15.66 -18.00 10.44
C TYR A 553 15.90 -16.77 9.55
N THR A 554 15.38 -15.60 9.97
CA THR A 554 15.65 -14.36 9.25
C THR A 554 17.14 -14.03 9.23
N CYS A 555 17.79 -14.13 10.39
CA CYS A 555 19.25 -13.94 10.47
C CYS A 555 19.98 -14.96 9.60
N ASP A 556 19.49 -16.20 9.57
CA ASP A 556 20.11 -17.26 8.76
C ASP A 556 20.14 -16.90 7.29
N ILE A 557 18.99 -16.45 6.77
CA ILE A 557 18.85 -16.10 5.36
C ILE A 557 19.64 -14.84 5.01
N ILE A 558 19.63 -13.85 5.91
CA ILE A 558 20.40 -12.62 5.71
C ILE A 558 21.87 -12.92 5.45
N MET A 559 22.44 -13.79 6.28
CA MET A 559 23.84 -14.18 6.13
C MET A 559 24.06 -14.93 4.81
N GLU A 560 23.19 -15.90 4.51
CA GLU A 560 23.25 -16.61 3.22
C GLU A 560 23.28 -15.63 2.05
N ASN A 561 22.37 -14.65 2.08
CA ASN A 561 22.32 -13.63 1.04
C ASN A 561 23.57 -12.76 1.03
N LYS A 562 24.01 -12.33 2.22
CA LYS A 562 25.19 -11.50 2.36
C LYS A 562 26.43 -12.15 1.74
N LEU A 563 26.64 -13.42 2.07
CA LEU A 563 27.77 -14.19 1.54
C LEU A 563 27.77 -14.26 0.02
N PHE A 564 26.58 -14.35 -0.56
CA PHE A 564 26.44 -14.34 -2.01
C PHE A 564 26.76 -12.98 -2.59
N TRP A 565 26.27 -11.92 -1.95
CA TRP A 565 26.55 -10.56 -2.42
C TRP A 565 28.04 -10.23 -2.30
N LEU A 566 28.66 -10.66 -1.21
CA LEU A 566 30.11 -10.54 -1.02
C LEU A 566 30.90 -11.36 -2.05
N GLU A 567 30.40 -12.55 -2.38
CA GLU A 567 31.03 -13.40 -3.40
C GLU A 567 31.15 -12.68 -4.73
N ARG A 568 30.03 -12.14 -5.23
CA ARG A 568 30.06 -11.49 -6.54
C ARG A 568 30.54 -10.03 -6.48
N ALA A 569 30.79 -9.51 -5.29
CA ALA A 569 31.55 -8.27 -5.14
C ALA A 569 33.01 -8.50 -5.56
N LYS A 570 33.49 -9.72 -5.32
CA LYS A 570 34.83 -10.14 -5.77
C LYS A 570 34.80 -10.47 -7.26
#